data_5JQQ
#
_entry.id   5JQQ
#
_cell.length_a   98.850
_cell.length_b   98.850
_cell.length_c   127.640
_cell.angle_alpha   90.00
_cell.angle_beta   90.00
_cell.angle_gamma   90.00
#
_symmetry.space_group_name_H-M   'I 41'
#
loop_
_entity.id
_entity.type
_entity.pdbx_description
1 polymer 'Glucosyl-3-phosphoglycerate synthase'
2 non-polymer GLYCEROL
3 water water
#
_entity_poly.entity_id   1
_entity_poly.type   'polypeptide(L)'
_entity_poly.pdbx_seq_one_letter_code
;MGSSHHHHHHSSGLVPRGSHMTASELVAGDLAGGRAPGALPLDTTWHRPGWTIGELEAAKAGRTISVVLPALNEEATIES
VIDSISPLVDGLVDELIVLDSGSTDDTEIRAIASGARVVSREQALPEVPVRPGKGEALWRSLAATSGDIVVFIDSDLINP
HPLFVPWLVGPLLTGEGIQLVKSFYRRPLQVSDVTSGVCATGGGRVTELVARPLLAALRPELGCVLQPLSGEYAASRELL
TSLPFAPGYGVEIGLLIDTFDRLGLDAIAQVNLGVRAHRNRPLDELGAMSRQVIATLLSRCGIPDSGVGLTQFLPGGPDD
SDYTRHTWPVSLVDRPPMKVMRPR
;
_entity_poly.pdbx_strand_id   A
#
loop_
_chem_comp.id
_chem_comp.type
_chem_comp.name
_chem_comp.formula
GOL non-polymer GLYCEROL 'C3 H8 O3'
#
# COMPACT_ATOMS: atom_id res chain seq x y z
N THR A 44 -9.36 -4.78 -16.64
CA THR A 44 -10.70 -4.55 -16.08
C THR A 44 -10.67 -3.38 -15.12
N THR A 45 -11.26 -2.27 -15.54
CA THR A 45 -11.26 -1.04 -14.76
C THR A 45 -12.67 -0.55 -14.42
N TRP A 46 -12.93 -0.42 -13.12
CA TRP A 46 -14.19 0.13 -12.63
C TRP A 46 -14.07 1.62 -12.37
N HIS A 47 -14.83 2.41 -13.12
CA HIS A 47 -14.88 3.85 -12.93
C HIS A 47 -15.97 4.24 -11.95
N ARG A 48 -16.79 3.27 -11.55
CA ARG A 48 -17.89 3.53 -10.63
C ARG A 48 -18.49 2.22 -10.11
N PRO A 49 -18.02 1.76 -8.95
CA PRO A 49 -18.55 0.52 -8.36
C PRO A 49 -20.00 0.63 -7.93
N GLY A 50 -20.60 -0.49 -7.55
CA GLY A 50 -22.01 -0.51 -7.22
C GLY A 50 -22.48 -1.69 -6.41
N TRP A 51 -21.57 -2.61 -6.11
CA TRP A 51 -21.89 -3.76 -5.27
C TRP A 51 -22.37 -3.27 -3.91
N THR A 52 -23.31 -3.97 -3.30
CA THR A 52 -23.70 -3.61 -1.94
C THR A 52 -22.84 -4.38 -0.97
N ILE A 53 -22.74 -3.87 0.25
CA ILE A 53 -21.96 -4.52 1.29
C ILE A 53 -22.47 -5.94 1.52
N GLY A 54 -23.78 -6.09 1.45
CA GLY A 54 -24.41 -7.39 1.63
C GLY A 54 -24.19 -8.36 0.50
N GLU A 55 -24.17 -7.86 -0.73
CA GLU A 55 -23.78 -8.67 -1.87
C GLU A 55 -22.36 -9.17 -1.69
N LEU A 56 -21.45 -8.25 -1.38
CA LEU A 56 -20.04 -8.56 -1.21
C LEU A 56 -19.80 -9.59 -0.12
N GLU A 57 -20.50 -9.40 1.00
CA GLU A 57 -20.42 -10.35 2.11
C GLU A 57 -20.86 -11.75 1.71
N ALA A 58 -21.98 -11.82 0.97
CA ALA A 58 -22.48 -13.09 0.45
C ALA A 58 -21.44 -13.77 -0.42
N ALA A 59 -20.78 -12.96 -1.24
CA ALA A 59 -19.76 -13.42 -2.20
C ALA A 59 -18.49 -13.95 -1.55
N LYS A 60 -18.28 -13.68 -0.26
CA LYS A 60 -17.08 -14.14 0.43
C LYS A 60 -16.93 -15.66 0.35
N ALA A 61 -18.03 -16.38 0.60
CA ALA A 61 -18.02 -17.83 0.47
C ALA A 61 -16.93 -18.50 1.29
N GLY A 62 -16.82 -18.14 2.57
CA GLY A 62 -15.84 -18.74 3.46
C GLY A 62 -14.49 -18.05 3.46
N ARG A 63 -14.20 -17.27 2.42
CA ARG A 63 -12.98 -16.47 2.40
C ARG A 63 -13.06 -15.40 3.49
N THR A 64 -11.94 -15.14 4.15
CA THR A 64 -11.86 -14.03 5.08
C THR A 64 -11.12 -12.82 4.55
N ILE A 65 -11.33 -11.69 5.22
CA ILE A 65 -10.76 -10.42 4.80
C ILE A 65 -10.06 -9.75 5.99
N SER A 66 -8.77 -9.47 5.83
CA SER A 66 -8.06 -8.63 6.79
C SER A 66 -7.79 -7.26 6.21
N VAL A 67 -7.85 -6.24 7.07
CA VAL A 67 -7.48 -4.88 6.68
C VAL A 67 -6.29 -4.42 7.51
N VAL A 68 -5.30 -3.86 6.83
CA VAL A 68 -4.11 -3.36 7.49
C VAL A 68 -3.92 -1.87 7.24
N LEU A 69 -3.70 -1.12 8.32
CA LEU A 69 -3.37 0.29 8.17
C LEU A 69 -1.94 0.47 8.67
N PRO A 70 -0.99 0.64 7.73
CA PRO A 70 0.37 0.91 8.20
C PRO A 70 0.41 2.33 8.72
N ALA A 71 1.18 2.61 9.76
CA ALA A 71 1.17 3.94 10.31
C ALA A 71 2.50 4.34 10.92
N LEU A 72 3.00 5.48 10.47
CA LEU A 72 4.16 6.08 11.10
C LEU A 72 3.82 7.54 11.37
N ASN A 73 3.59 7.86 12.64
CA ASN A 73 3.29 9.24 13.06
C ASN A 73 2.11 9.88 12.33
N GLU A 74 0.95 9.20 12.31
CA GLU A 74 -0.24 9.73 11.67
C GLU A 74 -1.36 10.05 12.66
N GLU A 75 -1.02 10.68 13.78
CA GLU A 75 -1.98 10.93 14.85
C GLU A 75 -3.16 11.79 14.41
N ALA A 76 -2.92 12.67 13.45
CA ALA A 76 -3.95 13.60 12.98
C ALA A 76 -5.05 12.95 12.13
N THR A 77 -4.74 11.83 11.48
CA THR A 77 -5.66 11.29 10.47
C THR A 77 -6.10 9.86 10.76
N ILE A 78 -5.32 9.19 11.60
CA ILE A 78 -5.52 7.77 11.90
C ILE A 78 -6.90 7.43 12.42
N GLU A 79 -7.42 8.31 13.28
CA GLU A 79 -8.69 8.06 13.92
C GLU A 79 -9.86 8.08 12.93
N SER A 80 -9.88 9.05 12.03
CA SER A 80 -10.89 9.10 10.97
CA SER A 80 -10.85 9.10 10.94
C SER A 80 -10.84 7.87 10.04
N VAL A 81 -9.63 7.38 9.76
CA VAL A 81 -9.47 6.18 8.92
C VAL A 81 -9.99 4.94 9.62
N ILE A 82 -9.63 4.75 10.88
CA ILE A 82 -10.10 3.60 11.61
C ILE A 82 -11.63 3.62 11.67
N ASP A 83 -12.19 4.78 12.00
CA ASP A 83 -13.64 4.93 12.09
C ASP A 83 -14.35 4.67 10.75
N SER A 84 -13.67 4.98 9.65
CA SER A 84 -14.26 4.76 8.33
C SER A 84 -14.46 3.29 8.01
N ILE A 85 -13.74 2.41 8.72
CA ILE A 85 -13.67 1.00 8.36
C ILE A 85 -14.22 0.06 9.43
N SER A 86 -14.17 0.48 10.69
CA SER A 86 -14.51 -0.42 11.79
C SER A 86 -15.98 -0.89 11.78
N PRO A 87 -16.90 -0.11 11.17
CA PRO A 87 -18.27 -0.63 11.09
C PRO A 87 -18.40 -1.92 10.26
N LEU A 88 -17.38 -2.22 9.48
CA LEU A 88 -17.40 -3.41 8.63
C LEU A 88 -16.91 -4.63 9.39
N VAL A 89 -16.29 -4.38 10.54
CA VAL A 89 -15.61 -5.46 11.26
C VAL A 89 -16.67 -6.42 11.82
N ASP A 90 -16.37 -7.71 11.78
CA ASP A 90 -17.28 -8.79 12.17
C ASP A 90 -18.37 -8.99 11.12
N GLY A 91 -18.29 -8.24 10.02
CA GLY A 91 -19.16 -8.44 8.88
C GLY A 91 -18.32 -8.77 7.66
N LEU A 92 -18.21 -7.81 6.75
CA LEU A 92 -17.40 -7.97 5.56
C LEU A 92 -15.94 -8.15 5.93
N VAL A 93 -15.49 -7.33 6.88
CA VAL A 93 -14.13 -7.39 7.36
C VAL A 93 -14.05 -8.26 8.60
N ASP A 94 -13.17 -9.26 8.56
CA ASP A 94 -13.05 -10.20 9.66
C ASP A 94 -12.00 -9.69 10.64
N GLU A 95 -11.14 -8.80 10.18
CA GLU A 95 -10.00 -8.40 10.98
C GLU A 95 -9.44 -7.05 10.51
N LEU A 96 -9.14 -6.19 11.48
CA LEU A 96 -8.51 -4.90 11.22
C LEU A 96 -7.35 -4.66 12.17
N ILE A 97 -6.19 -4.34 11.62
CA ILE A 97 -5.07 -3.92 12.45
C ILE A 97 -4.43 -2.62 11.98
N VAL A 98 -3.83 -1.94 12.94
CA VAL A 98 -2.92 -0.83 12.65
C VAL A 98 -1.52 -1.37 12.81
N LEU A 99 -0.70 -1.26 11.77
CA LEU A 99 0.69 -1.64 11.93
C LEU A 99 1.50 -0.41 12.30
N ASP A 100 1.82 -0.27 13.58
CA ASP A 100 2.46 0.95 14.02
C ASP A 100 3.93 0.72 13.66
N SER A 101 4.51 1.65 12.89
CA SER A 101 5.82 1.44 12.29
CA SER A 101 5.82 1.43 12.28
C SER A 101 6.89 2.28 12.96
N GLY A 102 6.81 2.39 14.28
CA GLY A 102 7.75 3.19 15.05
C GLY A 102 7.28 4.59 15.37
N SER A 103 5.97 4.81 15.48
CA SER A 103 5.47 6.17 15.67
C SER A 103 5.96 6.67 17.03
N THR A 104 6.27 7.96 17.10
CA THR A 104 6.63 8.58 18.38
C THR A 104 5.65 9.67 18.76
N ASP A 105 4.57 9.83 17.99
CA ASP A 105 3.53 10.77 18.37
C ASP A 105 2.44 9.99 19.10
N ASP A 106 1.20 10.47 19.06
CA ASP A 106 0.08 9.81 19.73
C ASP A 106 -0.68 8.82 18.84
N THR A 107 -0.05 8.34 17.78
CA THR A 107 -0.73 7.48 16.81
C THR A 107 -1.34 6.26 17.51
N GLU A 108 -0.55 5.60 18.34
CA GLU A 108 -0.95 4.32 18.89
C GLU A 108 -2.08 4.46 19.89
N ILE A 109 -1.97 5.44 20.78
CA ILE A 109 -3.00 5.67 21.79
C ILE A 109 -4.32 6.11 21.18
N ARG A 110 -4.26 6.94 20.15
CA ARG A 110 -5.48 7.37 19.48
C ARG A 110 -6.12 6.22 18.69
N ALA A 111 -5.28 5.36 18.13
CA ALA A 111 -5.79 4.20 17.40
C ALA A 111 -6.46 3.23 18.37
N ILE A 112 -5.83 3.01 19.52
CA ILE A 112 -6.40 2.15 20.55
C ILE A 112 -7.74 2.69 21.03
N ALA A 113 -7.82 4.02 21.12
CA ALA A 113 -9.01 4.69 21.62
C ALA A 113 -10.10 4.66 20.57
N SER A 114 -9.74 4.32 19.34
CA SER A 114 -10.71 4.11 18.28
C SER A 114 -11.06 2.64 18.15
N GLY A 115 -10.60 1.83 19.11
CA GLY A 115 -10.95 0.41 19.17
C GLY A 115 -10.15 -0.51 18.26
N ALA A 116 -9.07 0.00 17.66
CA ALA A 116 -8.26 -0.81 16.75
C ALA A 116 -7.24 -1.65 17.49
N ARG A 117 -7.00 -2.86 17.00
CA ARG A 117 -5.84 -3.64 17.43
C ARG A 117 -4.59 -3.03 16.80
N VAL A 118 -3.66 -2.63 17.65
CA VAL A 118 -2.41 -2.03 17.19
C VAL A 118 -1.25 -3.02 17.31
N VAL A 119 -0.52 -3.19 16.21
CA VAL A 119 0.59 -4.13 16.18
C VAL A 119 1.87 -3.43 15.76
N SER A 120 2.88 -3.49 16.62
CA SER A 120 4.20 -2.96 16.26
C SER A 120 4.88 -3.87 15.24
N ARG A 121 5.93 -3.37 14.60
CA ARG A 121 6.71 -4.15 13.66
C ARG A 121 7.32 -5.36 14.39
N GLU A 122 7.75 -5.12 15.63
CA GLU A 122 8.34 -6.17 16.46
C GLU A 122 7.35 -7.29 16.80
N GLN A 123 6.11 -6.92 17.11
CA GLN A 123 5.09 -7.92 17.48
C GLN A 123 4.63 -8.76 16.29
N ALA A 124 4.55 -8.13 15.13
CA ALA A 124 4.16 -8.82 13.90
C ALA A 124 5.06 -10.01 13.59
N LEU A 125 6.34 -9.90 13.92
CA LEU A 125 7.30 -10.94 13.56
C LEU A 125 8.56 -10.81 14.44
N PRO A 126 8.46 -11.29 15.70
CA PRO A 126 9.42 -10.90 16.73
C PRO A 126 10.77 -11.61 16.64
N GLU A 127 10.82 -12.73 15.90
CA GLU A 127 12.07 -13.46 15.74
C GLU A 127 13.03 -12.72 14.79
N VAL A 128 12.52 -11.71 14.07
CA VAL A 128 13.30 -11.05 13.03
C VAL A 128 13.50 -9.56 13.34
N PRO A 129 14.75 -9.11 13.49
CA PRO A 129 15.01 -7.70 13.79
C PRO A 129 14.39 -6.76 12.77
N VAL A 130 13.97 -5.58 13.20
CA VAL A 130 13.16 -4.70 12.36
C VAL A 130 14.08 -3.86 11.47
N ARG A 131 13.74 -3.77 10.18
CA ARG A 131 14.39 -2.80 9.31
C ARG A 131 13.49 -1.59 9.11
N PRO A 132 14.11 -0.44 8.78
CA PRO A 132 13.30 0.74 8.49
C PRO A 132 12.57 0.63 7.16
N GLY A 133 11.47 1.37 7.07
CA GLY A 133 10.80 1.67 5.82
C GLY A 133 9.43 1.04 5.75
N LYS A 134 8.63 1.52 4.80
CA LYS A 134 7.24 1.09 4.68
C LYS A 134 7.12 -0.38 4.31
N GLY A 135 7.97 -0.82 3.38
CA GLY A 135 7.87 -2.17 2.83
C GLY A 135 8.04 -3.22 3.91
N GLU A 136 8.91 -2.93 4.88
CA GLU A 136 9.15 -3.84 5.99
C GLU A 136 7.86 -4.04 6.77
N ALA A 137 7.15 -2.93 6.98
CA ALA A 137 5.92 -2.91 7.77
C ALA A 137 4.82 -3.74 7.11
N LEU A 138 4.64 -3.55 5.80
CA LEU A 138 3.63 -4.29 5.07
C LEU A 138 3.95 -5.78 5.03
N TRP A 139 5.23 -6.10 4.87
CA TRP A 139 5.62 -7.50 4.80
C TRP A 139 5.34 -8.17 6.14
N ARG A 140 5.78 -7.53 7.21
CA ARG A 140 5.50 -7.99 8.57
C ARG A 140 4.00 -8.15 8.86
N SER A 141 3.20 -7.23 8.35
CA SER A 141 1.75 -7.27 8.53
C SER A 141 1.10 -8.57 8.03
N LEU A 142 1.72 -9.23 7.05
CA LEU A 142 1.23 -10.54 6.59
C LEU A 142 1.29 -11.60 7.69
N ALA A 143 2.29 -11.49 8.56
CA ALA A 143 2.44 -12.42 9.67
C ALA A 143 1.48 -12.11 10.82
N ALA A 144 0.86 -10.93 10.79
CA ALA A 144 0.01 -10.48 11.90
C ALA A 144 -1.45 -10.55 11.48
N THR A 145 -1.69 -11.07 10.28
CA THR A 145 -3.04 -11.21 9.76
C THR A 145 -3.20 -12.64 9.27
N SER A 146 -4.44 -13.05 9.01
CA SER A 146 -4.74 -14.38 8.52
C SER A 146 -5.85 -14.38 7.47
N GLY A 147 -6.27 -13.21 7.02
CA GLY A 147 -7.28 -13.15 5.97
C GLY A 147 -6.81 -13.78 4.67
N ASP A 148 -7.75 -14.43 3.99
CA ASP A 148 -7.51 -14.95 2.65
C ASP A 148 -7.29 -13.76 1.72
N ILE A 149 -7.90 -12.64 2.08
CA ILE A 149 -7.74 -11.40 1.34
C ILE A 149 -7.17 -10.36 2.28
N VAL A 150 -6.22 -9.58 1.79
CA VAL A 150 -5.62 -8.53 2.60
C VAL A 150 -5.82 -7.19 1.91
N VAL A 151 -6.28 -6.22 2.69
CA VAL A 151 -6.47 -4.88 2.17
C VAL A 151 -5.54 -3.91 2.88
N PHE A 152 -4.84 -3.09 2.10
CA PHE A 152 -3.99 -2.05 2.65
C PHE A 152 -4.62 -0.68 2.42
N ILE A 153 -4.64 0.13 3.47
CA ILE A 153 -5.10 1.51 3.38
C ILE A 153 -4.15 2.42 4.11
N ASP A 154 -3.65 3.47 3.45
CA ASP A 154 -2.73 4.36 4.13
C ASP A 154 -3.50 5.10 5.23
N SER A 155 -2.79 5.39 6.31
CA SER A 155 -3.34 6.00 7.51
C SER A 155 -3.24 7.53 7.50
N ASP A 156 -2.73 8.08 6.40
CA ASP A 156 -2.61 9.53 6.23
C ASP A 156 -3.75 10.14 5.40
N LEU A 157 -4.79 9.36 5.15
CA LEU A 157 -5.94 9.83 4.38
C LEU A 157 -6.76 10.82 5.20
N ILE A 158 -7.20 11.90 4.57
CA ILE A 158 -8.12 12.81 5.25
C ILE A 158 -9.58 12.47 4.95
N ASN A 159 -10.30 12.08 5.99
CA ASN A 159 -11.68 11.60 5.88
C ASN A 159 -11.93 10.71 4.67
N PRO A 160 -11.46 9.45 4.73
CA PRO A 160 -11.66 8.55 3.60
C PRO A 160 -13.08 8.03 3.54
N HIS A 161 -13.58 7.76 2.33
CA HIS A 161 -14.92 7.23 2.17
C HIS A 161 -15.02 5.84 2.83
N PRO A 162 -16.13 5.53 3.51
CA PRO A 162 -16.30 4.22 4.15
C PRO A 162 -16.45 3.05 3.18
N LEU A 163 -16.62 3.32 1.90
CA LEU A 163 -16.71 2.25 0.90
C LEU A 163 -15.39 1.90 0.21
N PHE A 164 -14.29 2.55 0.58
CA PHE A 164 -12.98 2.20 0.05
C PHE A 164 -12.74 0.69 0.05
N VAL A 165 -12.90 0.09 1.22
CA VAL A 165 -12.64 -1.33 1.38
C VAL A 165 -13.59 -2.21 0.55
N PRO A 166 -14.91 -1.94 0.62
CA PRO A 166 -15.81 -2.66 -0.28
C PRO A 166 -15.48 -2.51 -1.76
N TRP A 167 -15.15 -1.29 -2.17
CA TRP A 167 -14.79 -1.04 -3.56
C TRP A 167 -13.51 -1.79 -4.00
N LEU A 168 -12.53 -1.88 -3.12
CA LEU A 168 -11.29 -2.61 -3.43
C LEU A 168 -11.43 -4.12 -3.50
N VAL A 169 -12.29 -4.70 -2.66
CA VAL A 169 -12.40 -6.15 -2.58
C VAL A 169 -13.39 -6.68 -3.63
N GLY A 170 -14.16 -5.76 -4.20
CA GLY A 170 -15.20 -6.11 -5.16
C GLY A 170 -14.74 -7.06 -6.24
N PRO A 171 -13.69 -6.67 -7.00
CA PRO A 171 -13.19 -7.50 -8.10
C PRO A 171 -12.61 -8.83 -7.65
N LEU A 172 -12.08 -8.88 -6.43
CA LEU A 172 -11.52 -10.13 -5.93
C LEU A 172 -12.64 -11.10 -5.59
N LEU A 173 -13.78 -10.53 -5.21
CA LEU A 173 -14.89 -11.30 -4.66
C LEU A 173 -15.81 -11.78 -5.78
N THR A 174 -16.01 -10.91 -6.77
CA THR A 174 -17.04 -11.12 -7.78
C THR A 174 -16.42 -11.35 -9.15
N GLY A 175 -15.10 -11.25 -9.24
CA GLY A 175 -14.43 -11.41 -10.51
C GLY A 175 -13.99 -12.84 -10.72
N GLU A 176 -13.23 -13.08 -11.78
CA GLU A 176 -12.45 -14.29 -11.89
C GLU A 176 -11.00 -13.99 -12.22
N GLY A 177 -10.09 -14.63 -11.49
CA GLY A 177 -8.67 -14.51 -11.74
C GLY A 177 -8.01 -13.24 -11.22
N ILE A 178 -8.79 -12.31 -10.68
CA ILE A 178 -8.19 -11.12 -10.07
C ILE A 178 -7.51 -11.52 -8.77
N GLN A 179 -6.25 -11.14 -8.63
CA GLN A 179 -5.51 -11.42 -7.41
C GLN A 179 -5.02 -10.11 -6.78
N LEU A 180 -5.10 -9.02 -7.54
CA LEU A 180 -4.61 -7.72 -7.09
C LEU A 180 -5.53 -6.62 -7.58
N VAL A 181 -5.91 -5.72 -6.67
CA VAL A 181 -6.72 -4.55 -7.03
C VAL A 181 -6.08 -3.25 -6.58
N LYS A 182 -5.80 -2.36 -7.53
CA LYS A 182 -5.22 -1.05 -7.24
C LYS A 182 -6.30 0.03 -7.23
N SER A 183 -6.11 1.08 -6.46
CA SER A 183 -7.06 2.18 -6.52
C SER A 183 -6.50 3.21 -7.50
N PHE A 184 -7.38 4.05 -8.03
CA PHE A 184 -7.00 5.34 -8.60
C PHE A 184 -8.04 6.38 -8.22
N TYR A 185 -7.78 7.64 -8.55
CA TYR A 185 -8.58 8.75 -8.02
C TYR A 185 -8.17 10.06 -8.69
N ARG A 186 -8.99 11.08 -8.52
CA ARG A 186 -8.64 12.44 -8.91
C ARG A 186 -7.87 13.14 -7.81
N GLY A 203 0.24 16.99 -6.47
CA GLY A 203 -0.77 16.44 -7.35
C GLY A 203 -0.31 15.12 -7.97
N GLY A 204 0.42 14.35 -7.17
CA GLY A 204 1.07 13.13 -7.62
C GLY A 204 2.29 13.39 -8.48
N ARG A 205 3.24 14.15 -7.94
CA ARG A 205 4.49 14.46 -8.61
C ARG A 205 5.36 13.25 -8.95
N VAL A 206 5.53 12.36 -7.97
CA VAL A 206 6.36 11.18 -8.16
C VAL A 206 5.71 10.22 -9.13
N THR A 207 4.39 10.07 -9.01
CA THR A 207 3.66 9.14 -9.83
C THR A 207 3.78 9.53 -11.30
N GLU A 208 3.52 10.79 -11.60
CA GLU A 208 3.43 11.26 -12.99
C GLU A 208 4.78 11.61 -13.61
N LEU A 209 5.76 11.95 -12.77
CA LEU A 209 7.08 12.33 -13.28
C LEU A 209 8.05 11.16 -13.25
N VAL A 210 7.86 10.23 -12.30
CA VAL A 210 8.82 9.14 -12.12
C VAL A 210 8.27 7.77 -12.51
N ALA A 211 7.24 7.31 -11.81
CA ALA A 211 6.82 5.92 -11.97
C ALA A 211 6.14 5.59 -13.30
N ARG A 212 5.16 6.39 -13.71
CA ARG A 212 4.47 6.11 -14.96
C ARG A 212 5.39 6.27 -16.18
N PRO A 213 6.20 7.35 -16.22
CA PRO A 213 7.14 7.46 -17.33
C PRO A 213 8.20 6.35 -17.36
N LEU A 214 8.71 5.91 -16.22
CA LEU A 214 9.62 4.78 -16.21
C LEU A 214 8.94 3.48 -16.64
N LEU A 215 7.69 3.31 -16.23
CA LEU A 215 6.91 2.16 -16.68
C LEU A 215 6.72 2.19 -18.18
N ALA A 216 6.48 3.37 -18.74
CA ALA A 216 6.28 3.49 -20.18
C ALA A 216 7.57 3.07 -20.88
N ALA A 217 8.69 3.46 -20.29
CA ALA A 217 10.01 3.11 -20.80
C ALA A 217 10.34 1.61 -20.70
N LEU A 218 9.96 0.98 -19.60
CA LEU A 218 10.51 -0.32 -19.24
C LEU A 218 9.46 -1.42 -19.07
N ARG A 219 8.21 -1.05 -18.85
CA ARG A 219 7.11 -2.03 -18.79
C ARG A 219 5.89 -1.36 -19.40
N PRO A 220 5.95 -1.01 -20.69
CA PRO A 220 4.86 -0.18 -21.24
C PRO A 220 3.48 -0.81 -21.12
N GLU A 221 3.45 -2.13 -20.92
CA GLU A 221 2.21 -2.86 -20.71
C GLU A 221 1.46 -2.39 -19.46
N LEU A 222 2.19 -1.81 -18.52
CA LEU A 222 1.59 -1.30 -17.28
C LEU A 222 1.27 0.18 -17.39
N GLY A 223 1.37 0.71 -18.60
CA GLY A 223 1.05 2.10 -18.87
C GLY A 223 -0.39 2.46 -18.55
N CYS A 224 -1.25 1.45 -18.49
CA CYS A 224 -2.68 1.67 -18.28
C CYS A 224 -3.04 1.79 -16.79
N VAL A 225 -2.05 1.61 -15.92
CA VAL A 225 -2.27 1.73 -14.48
C VAL A 225 -2.23 3.21 -14.10
N LEU A 226 -3.32 3.75 -13.58
CA LEU A 226 -3.39 5.19 -13.37
C LEU A 226 -2.63 5.62 -12.12
N GLN A 227 -2.63 4.77 -11.09
CA GLN A 227 -1.96 5.08 -9.82
C GLN A 227 -1.12 3.90 -9.33
N PRO A 228 -0.01 3.59 -10.03
CA PRO A 228 0.83 2.45 -9.65
C PRO A 228 1.40 2.50 -8.23
N LEU A 229 1.61 3.71 -7.71
CA LEU A 229 2.17 3.89 -6.38
C LEU A 229 1.10 3.99 -5.29
N SER A 230 -0.16 3.80 -5.67
CA SER A 230 -1.24 3.98 -4.71
C SER A 230 -1.10 3.09 -3.48
N GLY A 231 -1.20 3.71 -2.31
CA GLY A 231 -1.18 3.02 -1.04
C GLY A 231 -2.47 2.28 -0.70
N GLU A 232 -3.50 2.48 -1.52
CA GLU A 232 -4.77 1.78 -1.28
C GLU A 232 -4.94 0.64 -2.29
N TYR A 233 -4.91 -0.60 -1.80
CA TYR A 233 -5.08 -1.77 -2.65
C TYR A 233 -5.40 -3.03 -1.85
N ALA A 234 -5.84 -4.07 -2.56
CA ALA A 234 -6.18 -5.35 -1.94
C ALA A 234 -5.61 -6.48 -2.79
N ALA A 235 -5.33 -7.62 -2.14
CA ALA A 235 -4.77 -8.76 -2.85
C ALA A 235 -4.99 -10.06 -2.08
N SER A 236 -4.89 -11.18 -2.78
CA SER A 236 -4.98 -12.48 -2.12
C SER A 236 -3.73 -12.70 -1.28
N ARG A 237 -3.90 -13.36 -0.14
CA ARG A 237 -2.79 -13.76 0.70
C ARG A 237 -1.84 -14.66 -0.10
N GLU A 238 -2.42 -15.50 -0.95
CA GLU A 238 -1.64 -16.44 -1.73
C GLU A 238 -0.64 -15.72 -2.61
N LEU A 239 -1.10 -14.65 -3.25
CA LEU A 239 -0.19 -13.80 -4.02
C LEU A 239 0.85 -13.10 -3.15
N LEU A 240 0.37 -12.40 -2.11
CA LEU A 240 1.25 -11.56 -1.31
C LEU A 240 2.33 -12.36 -0.59
N THR A 241 1.99 -13.54 -0.09
CA THR A 241 2.97 -14.35 0.61
C THR A 241 3.89 -15.10 -0.36
N SER A 242 3.61 -14.98 -1.66
CA SER A 242 4.45 -15.60 -2.68
CA SER A 242 4.42 -15.57 -2.71
C SER A 242 5.38 -14.57 -3.34
N LEU A 243 5.22 -13.31 -2.96
CA LEU A 243 6.04 -12.26 -3.55
C LEU A 243 7.04 -11.70 -2.56
N PRO A 244 8.22 -11.33 -3.06
CA PRO A 244 9.16 -10.59 -2.22
C PRO A 244 8.59 -9.21 -1.94
N PHE A 245 9.11 -8.52 -0.93
CA PHE A 245 8.65 -7.17 -0.64
C PHE A 245 9.83 -6.22 -0.72
N ALA A 246 9.71 -5.25 -1.62
CA ALA A 246 10.73 -4.22 -1.77
C ALA A 246 10.82 -3.35 -0.53
N PRO A 247 12.00 -2.78 -0.27
CA PRO A 247 12.14 -2.00 0.97
C PRO A 247 11.56 -0.60 0.80
N GLY A 248 11.26 0.07 1.91
CA GLY A 248 10.99 1.49 1.85
C GLY A 248 9.75 1.81 1.03
N TYR A 249 9.81 2.92 0.31
CA TYR A 249 8.76 3.30 -0.63
C TYR A 249 8.74 2.53 -1.95
N GLY A 250 9.55 1.48 -2.06
CA GLY A 250 9.57 0.72 -3.31
C GLY A 250 8.49 -0.34 -3.34
N VAL A 251 7.83 -0.55 -2.21
CA VAL A 251 6.99 -1.72 -2.02
C VAL A 251 5.80 -1.80 -2.99
N GLU A 252 5.11 -0.69 -3.23
CA GLU A 252 3.95 -0.72 -4.11
C GLU A 252 4.32 -1.06 -5.56
N ILE A 253 5.32 -0.36 -6.08
CA ILE A 253 5.73 -0.55 -7.47
C ILE A 253 6.26 -1.97 -7.70
N GLY A 254 6.97 -2.49 -6.70
CA GLY A 254 7.51 -3.84 -6.75
C GLY A 254 6.44 -4.90 -6.82
N LEU A 255 5.41 -4.73 -6.01
CA LEU A 255 4.29 -5.67 -5.98
C LEU A 255 3.55 -5.66 -7.30
N LEU A 256 3.38 -4.47 -7.86
CA LEU A 256 2.71 -4.34 -9.14
C LEU A 256 3.47 -4.99 -10.28
N ILE A 257 4.75 -4.68 -10.42
CA ILE A 257 5.57 -5.26 -11.47
C ILE A 257 5.72 -6.77 -11.31
N ASP A 258 5.94 -7.22 -10.08
CA ASP A 258 6.07 -8.66 -9.81
C ASP A 258 4.78 -9.40 -10.13
N THR A 259 3.65 -8.82 -9.74
CA THR A 259 2.35 -9.40 -10.02
C THR A 259 2.16 -9.55 -11.52
N PHE A 260 2.42 -8.47 -12.25
CA PHE A 260 2.29 -8.47 -13.69
C PHE A 260 3.19 -9.49 -14.37
N ASP A 261 4.47 -9.51 -13.99
CA ASP A 261 5.44 -10.40 -14.61
C ASP A 261 5.02 -11.85 -14.40
N ARG A 262 4.45 -12.14 -13.24
CA ARG A 262 4.09 -13.51 -12.90
C ARG A 262 2.69 -13.95 -13.40
N LEU A 263 1.71 -13.05 -13.39
CA LEU A 263 0.33 -13.42 -13.74
C LEU A 263 -0.27 -12.63 -14.91
N GLY A 264 0.43 -11.59 -15.34
CA GLY A 264 -0.09 -10.71 -16.37
C GLY A 264 -1.23 -9.82 -15.93
N LEU A 265 -1.69 -8.98 -16.85
CA LEU A 265 -2.70 -7.96 -16.56
C LEU A 265 -4.04 -8.51 -16.08
N ASP A 266 -4.38 -9.71 -16.52
CA ASP A 266 -5.71 -10.26 -16.27
C ASP A 266 -5.91 -10.54 -14.78
N ALA A 267 -4.82 -10.55 -14.03
CA ALA A 267 -4.88 -10.80 -12.60
C ALA A 267 -4.98 -9.47 -11.85
N ILE A 268 -4.92 -8.36 -12.59
CA ILE A 268 -4.88 -7.04 -11.99
C ILE A 268 -6.12 -6.23 -12.36
N ALA A 269 -6.70 -5.56 -11.38
CA ALA A 269 -7.77 -4.61 -11.62
C ALA A 269 -7.43 -3.27 -10.97
N GLN A 270 -8.14 -2.23 -11.37
CA GLN A 270 -8.02 -0.96 -10.69
C GLN A 270 -9.41 -0.35 -10.56
N VAL A 271 -9.66 0.25 -9.40
CA VAL A 271 -10.97 0.85 -9.11
CA VAL A 271 -10.96 0.83 -9.07
C VAL A 271 -10.87 2.31 -8.67
N ASN A 272 -11.86 3.08 -9.10
N ASN A 272 -11.82 3.10 -9.15
CA ASN A 272 -11.95 4.49 -8.76
CA ASN A 272 -11.92 4.52 -8.80
C ASN A 272 -12.46 4.70 -7.34
C ASN A 272 -12.45 4.71 -7.37
N LEU A 273 -11.68 5.40 -6.53
N LEU A 273 -11.70 5.44 -6.55
CA LEU A 273 -12.09 5.74 -5.16
CA LEU A 273 -12.08 5.74 -5.17
C LEU A 273 -12.48 7.20 -5.07
C LEU A 273 -12.62 7.18 -5.05
N GLY A 274 -12.44 7.89 -6.21
N GLY A 274 -12.73 7.86 -6.20
CA GLY A 274 -12.91 9.26 -6.29
CA GLY A 274 -13.29 9.20 -6.27
C GLY A 274 -11.77 10.26 -6.17
C GLY A 274 -12.32 10.33 -6.04
N VAL A 275 -11.63 10.83 -4.99
N VAL A 275 -12.29 10.96 -4.88
CA VAL A 275 -10.65 11.88 -4.73
CA VAL A 275 -11.35 12.05 -4.71
C VAL A 275 -9.93 11.60 -3.42
C VAL A 275 -10.41 11.96 -3.53
N ARG A 276 -8.61 11.71 -3.45
N ARG A 276 -9.18 12.37 -3.78
CA ARG A 276 -7.78 11.43 -2.27
CA ARG A 276 -8.22 12.48 -2.72
C ARG A 276 -7.20 12.73 -1.72
C ARG A 276 -7.49 13.77 -3.01
N ALA A 277 -7.52 13.03 -0.47
N ALA A 277 -7.10 14.53 -1.99
CA ALA A 277 -6.94 14.17 0.23
CA ALA A 277 -6.34 15.73 -2.30
C ALA A 277 -5.91 13.65 1.22
C ALA A 277 -4.94 15.19 -2.16
N HIS A 278 -4.74 14.26 1.23
N HIS A 278 -4.01 15.65 -2.98
CA HIS A 278 -3.65 13.81 2.10
CA HIS A 278 -2.63 15.24 -2.79
C HIS A 278 -2.67 14.94 2.37
C HIS A 278 -2.05 16.08 -1.67
N ARG A 279 -1.83 14.73 3.39
N ARG A 279 -1.89 15.43 -0.52
CA ARG A 279 -0.83 15.72 3.76
CA ARG A 279 -1.25 16.06 0.63
C ARG A 279 0.30 15.74 2.73
C ARG A 279 0.17 16.54 0.33
N ASN A 280 0.22 16.69 1.80
N ASN A 280 0.43 17.74 0.82
CA ASN A 280 1.25 16.84 0.78
CA ASN A 280 1.75 18.35 0.92
C ASN A 280 2.61 17.09 1.40
C ASN A 280 2.86 17.63 1.67
N ARG A 281 3.66 16.58 0.75
N ARG A 281 3.86 17.11 0.95
CA ARG A 281 4.96 16.42 1.40
CA ARG A 281 4.98 16.44 1.61
C ARG A 281 6.04 17.35 0.88
C ARG A 281 6.14 17.30 1.14
N PRO A 282 7.09 17.55 1.69
N PRO A 282 7.24 17.39 1.91
CA PRO A 282 8.28 18.31 1.28
CA PRO A 282 8.34 18.18 1.35
C PRO A 282 9.03 17.64 0.13
C PRO A 282 9.07 17.60 0.14
N LEU A 283 9.66 18.45 -0.71
CA LEU A 283 10.29 17.98 -1.94
C LEU A 283 11.40 16.96 -1.71
N ASP A 284 12.15 17.16 -0.64
CA ASP A 284 13.32 16.33 -0.35
C ASP A 284 12.93 14.91 0.04
N GLU A 285 11.83 14.79 0.79
CA GLU A 285 11.32 13.47 1.13
C GLU A 285 10.83 12.77 -0.14
N LEU A 286 10.30 13.55 -1.08
CA LEU A 286 9.88 13.00 -2.37
C LEU A 286 11.09 12.52 -3.17
N GLY A 287 12.23 13.16 -2.94
CA GLY A 287 13.44 12.83 -3.68
C GLY A 287 13.89 11.43 -3.32
N ALA A 288 13.91 11.15 -2.01
CA ALA A 288 14.32 9.86 -1.47
C ALA A 288 13.34 8.77 -1.86
N MET A 289 12.06 9.15 -1.94
CA MET A 289 11.02 8.20 -2.26
C MET A 289 11.19 7.77 -3.71
N SER A 290 11.39 8.77 -4.56
CA SER A 290 11.61 8.54 -5.98
C SER A 290 12.83 7.64 -6.23
N ARG A 291 13.91 7.92 -5.52
CA ARG A 291 15.13 7.11 -5.58
C ARG A 291 14.91 5.63 -5.30
N GLN A 292 14.09 5.32 -4.31
CA GLN A 292 13.82 3.93 -3.93
C GLN A 292 12.89 3.28 -4.94
N VAL A 293 11.97 4.07 -5.47
CA VAL A 293 11.03 3.58 -6.48
C VAL A 293 11.82 3.21 -7.72
N ILE A 294 12.76 4.08 -8.07
CA ILE A 294 13.65 3.86 -9.19
C ILE A 294 14.47 2.59 -8.98
N ALA A 295 15.05 2.47 -7.79
CA ALA A 295 15.88 1.32 -7.43
C ALA A 295 15.12 0.02 -7.55
N THR A 296 13.87 0.03 -7.08
CA THR A 296 13.05 -1.18 -7.10
C THR A 296 12.63 -1.50 -8.52
N LEU A 297 12.29 -0.46 -9.27
CA LEU A 297 11.82 -0.64 -10.64
C LEU A 297 12.96 -1.12 -11.54
N LEU A 298 14.13 -0.53 -11.40
CA LEU A 298 15.30 -0.98 -12.18
C LEU A 298 15.62 -2.44 -11.90
N SER A 299 15.54 -2.82 -10.62
CA SER A 299 15.85 -4.19 -10.22
C SER A 299 14.88 -5.15 -10.88
N ARG A 300 13.60 -4.82 -10.92
CA ARG A 300 12.61 -5.68 -11.54
C ARG A 300 12.85 -5.79 -13.05
N CYS A 301 13.45 -4.76 -13.64
CA CYS A 301 13.74 -4.77 -15.07
C CYS A 301 15.12 -5.34 -15.40
N GLY A 302 15.79 -5.95 -14.42
CA GLY A 302 17.07 -6.58 -14.69
C GLY A 302 18.19 -5.57 -14.84
N ILE A 303 18.00 -4.37 -14.29
CA ILE A 303 19.00 -3.30 -14.42
C ILE A 303 19.74 -3.04 -13.12
N PRO A 304 21.08 -3.03 -13.17
CA PRO A 304 21.87 -2.85 -11.93
C PRO A 304 21.80 -1.42 -11.40
N ASP A 305 21.51 -1.29 -10.12
CA ASP A 305 21.38 0.02 -9.50
C ASP A 305 22.69 0.23 -8.74
N SER A 306 23.18 1.46 -8.73
CA SER A 306 24.46 1.74 -8.07
C SER A 306 24.42 1.45 -6.58
N GLY A 307 23.22 1.47 -5.98
CA GLY A 307 23.11 1.41 -4.54
C GLY A 307 23.49 2.72 -3.89
N VAL A 308 23.83 3.73 -4.69
CA VAL A 308 24.20 5.02 -4.14
C VAL A 308 23.00 5.90 -3.85
N GLY A 309 22.92 6.36 -2.60
CA GLY A 309 21.85 7.24 -2.18
C GLY A 309 21.83 8.60 -2.86
N LEU A 310 20.64 9.18 -2.93
CA LEU A 310 20.47 10.51 -3.47
C LEU A 310 21.13 11.49 -2.51
N THR A 311 21.95 12.40 -3.02
CA THR A 311 22.43 13.49 -2.17
C THR A 311 21.73 14.79 -2.53
N GLN A 312 21.47 15.61 -1.52
CA GLN A 312 20.81 16.89 -1.74
C GLN A 312 21.65 18.00 -1.11
N PHE A 313 21.66 19.15 -1.77
CA PHE A 313 22.40 20.30 -1.28
C PHE A 313 21.47 21.42 -0.83
N LEU A 314 21.42 21.67 0.47
CA LEU A 314 20.48 22.62 1.05
C LEU A 314 21.16 23.99 1.25
N ASP A 322 26.54 29.06 2.36
CA ASP A 322 26.46 28.36 1.09
C ASP A 322 25.50 27.16 1.19
N TYR A 323 25.98 25.99 0.78
CA TYR A 323 25.15 24.78 0.73
C TYR A 323 25.70 23.74 1.69
N THR A 324 24.79 23.00 2.32
CA THR A 324 25.16 21.81 3.07
C THR A 324 24.61 20.58 2.39
N ARG A 325 25.26 19.44 2.61
CA ARG A 325 24.92 18.20 1.94
C ARG A 325 24.32 17.13 2.86
N HIS A 326 23.38 16.37 2.33
CA HIS A 326 22.76 15.26 3.02
C HIS A 326 22.51 14.12 2.04
N THR A 327 22.83 12.91 2.48
CA THR A 327 22.62 11.71 1.68
C THR A 327 21.53 10.85 2.30
N TRP A 328 20.55 10.47 1.48
CA TRP A 328 19.45 9.65 1.97
C TRP A 328 19.75 8.18 1.70
N PRO A 329 19.28 7.29 2.60
CA PRO A 329 19.52 5.85 2.40
C PRO A 329 18.71 5.28 1.25
N VAL A 330 19.30 4.35 0.50
CA VAL A 330 18.54 3.55 -0.43
C VAL A 330 18.91 2.08 -0.18
N SER A 331 17.97 1.18 -0.46
CA SER A 331 18.17 -0.24 -0.18
C SER A 331 17.92 -1.05 -1.42
N LEU A 332 18.82 -2.00 -1.69
CA LEU A 332 18.66 -2.92 -2.80
C LEU A 332 18.24 -4.31 -2.30
N VAL A 333 17.80 -4.37 -1.04
CA VAL A 333 17.41 -5.65 -0.45
C VAL A 333 15.92 -5.81 -0.22
N ASP A 334 15.34 -6.78 -0.93
CA ASP A 334 13.94 -7.11 -0.76
C ASP A 334 13.84 -8.05 0.45
N ARG A 335 12.67 -8.10 1.09
CA ARG A 335 12.34 -9.22 1.95
C ARG A 335 11.84 -10.37 1.09
N PRO A 336 12.18 -11.62 1.46
CA PRO A 336 11.71 -12.74 0.66
C PRO A 336 10.23 -13.00 0.89
N PRO A 337 9.60 -13.79 0.02
CA PRO A 337 8.22 -14.26 0.21
C PRO A 337 7.95 -14.77 1.63
N MET A 338 6.87 -14.31 2.23
CA MET A 338 6.57 -14.62 3.62
C MET A 338 6.40 -16.12 3.82
N LYS A 339 5.98 -16.81 2.76
CA LYS A 339 5.97 -18.27 2.73
C LYS A 339 7.22 -18.95 3.30
N VAL A 340 8.42 -18.44 2.99
CA VAL A 340 9.63 -19.08 3.49
C VAL A 340 9.72 -19.02 5.01
N MET A 341 8.93 -18.15 5.63
CA MET A 341 9.00 -17.96 7.08
C MET A 341 8.10 -18.98 7.78
N ARG A 342 7.43 -19.82 7.01
CA ARG A 342 6.48 -20.79 7.55
C ARG A 342 7.18 -21.87 8.37
C1 GOL B . 2.99 10.86 -4.79
C1 GOL B . 3.13 11.15 -5.01
O1 GOL B . 2.71 10.67 -6.15
O1 GOL B . 2.60 9.87 -5.22
C2 GOL B . 2.29 12.11 -4.27
C2 GOL B . 2.59 11.75 -3.71
O2 GOL B . 3.10 13.24 -4.48
O2 GOL B . 1.19 11.67 -3.68
C3 GOL B . 2.00 11.97 -2.81
C3 GOL B . 3.00 13.20 -3.59
O3 GOL B . 3.20 11.80 -2.09
O3 GOL B . 2.32 13.98 -4.54
C1 GOL C . 3.10 4.46 6.19
O1 GOL C . 4.35 4.19 6.76
C2 GOL C . 2.72 5.90 6.44
O2 GOL C . 2.52 6.13 7.81
C3 GOL C . 1.46 6.24 5.67
O3 GOL C . 0.44 5.34 6.02
#